data_2ORV
#
_entry.id   2ORV
#
_cell.length_a   80.980
_cell.length_b   80.980
_cell.length_c   156.360
_cell.angle_alpha   90.00
_cell.angle_beta   90.00
_cell.angle_gamma   120.00
#
_symmetry.space_group_name_H-M   'P 31 2 1'
#
loop_
_entity.id
_entity.type
_entity.pdbx_description
1 polymer 'Thymidine kinase'
2 non-polymer 'ZINC ION'
3 non-polymer "P1-(5'-ADENOSYL)P4-(5'-(2'-DEOXY-THYMIDYL))TETRAPHOSPHATE"
4 water water
#
_entity_poly.entity_id   1
_entity_poly.type   'polypeptide(L)'
_entity_poly.pdbx_seq_one_letter_code
;MSCINLPTVLPGSPSKTRGQIQVILGPMFSGKSTELMRRVRRFQIAQYKCLVIKYAKDTRYSSSFCTHDRNTMEALPACL
LRDVAQEALGVAVIGIDEGQFFPDIVEFCEAMANAGKTVIVAALDGTFQRKPFGAILNLVPLAESVVKLTAVCMECFREA
AYTKRLGTEKEVEVIGGADKYHSVCRLCYFKKASGQPAGPDNAANCPVPGKPGEAVAARKLFAPQQILQCSPAN
;
_entity_poly.pdbx_strand_id   A,B
#
# COMPACT_ATOMS: atom_id res chain seq x y z
N ARG A 18 14.93 11.30 -13.78
CA ARG A 18 14.81 11.00 -12.29
C ARG A 18 14.03 9.69 -12.02
N GLY A 19 14.48 8.95 -11.00
CA GLY A 19 14.03 7.58 -10.78
C GLY A 19 12.87 7.44 -9.80
N GLN A 20 12.16 6.32 -9.86
CA GLN A 20 10.96 6.19 -9.08
C GLN A 20 10.59 4.74 -8.89
N ILE A 21 9.72 4.48 -7.90
CA ILE A 21 9.23 3.14 -7.58
C ILE A 21 7.72 3.17 -7.63
N GLN A 22 7.13 2.46 -8.58
CA GLN A 22 5.67 2.31 -8.59
C GLN A 22 5.37 0.91 -8.08
N VAL A 23 4.30 0.73 -7.29
CA VAL A 23 3.99 -0.61 -6.70
C VAL A 23 2.56 -0.97 -7.08
N ILE A 24 2.36 -2.19 -7.57
CA ILE A 24 1.04 -2.70 -7.94
C ILE A 24 0.72 -3.90 -7.06
N LEU A 25 -0.18 -3.72 -6.09
CA LEU A 25 -0.65 -4.81 -5.21
C LEU A 25 -1.99 -5.34 -5.62
N GLY A 26 -2.43 -6.40 -4.97
CA GLY A 26 -3.67 -7.02 -5.34
C GLY A 26 -3.74 -8.46 -4.87
N PRO A 27 -4.95 -9.06 -4.88
CA PRO A 27 -4.99 -10.52 -4.65
C PRO A 27 -4.50 -11.25 -5.92
N MET A 28 -4.47 -12.58 -5.88
CA MET A 28 -4.23 -13.36 -7.09
C MET A 28 -5.41 -13.10 -8.04
N PHE A 29 -5.20 -13.30 -9.36
CA PHE A 29 -6.21 -13.11 -10.40
C PHE A 29 -6.68 -11.67 -10.61
N SER A 30 -5.93 -10.68 -10.17
CA SER A 30 -6.37 -9.31 -10.34
C SER A 30 -5.67 -8.60 -11.50
N GLY A 31 -4.80 -9.29 -12.23
CA GLY A 31 -4.14 -8.70 -13.42
C GLY A 31 -2.91 -7.85 -13.14
N LYS A 32 -2.27 -8.07 -11.99
CA LYS A 32 -1.08 -7.28 -11.62
C LYS A 32 0.04 -7.29 -12.64
N SER A 33 0.19 -8.42 -13.35
CA SER A 33 1.22 -8.61 -14.36
C SER A 33 0.88 -7.85 -15.63
N THR A 34 -0.39 -7.91 -16.03
CA THR A 34 -0.85 -7.16 -17.17
C THR A 34 -0.63 -5.67 -16.95
N GLU A 35 -1.10 -5.18 -15.81
CA GLU A 35 -0.91 -3.79 -15.42
C GLU A 35 0.57 -3.47 -15.42
N LEU A 36 1.40 -4.36 -14.88
CA LEU A 36 2.85 -4.17 -14.95
C LEU A 36 3.34 -4.03 -16.42
N MET A 37 2.82 -4.87 -17.34
CA MET A 37 3.25 -4.84 -18.75
C MET A 37 2.73 -3.64 -19.55
N ARG A 38 1.50 -3.26 -19.28
CA ARG A 38 0.97 -2.04 -19.85
C ARG A 38 1.85 -0.84 -19.51
N ARG A 39 2.26 -0.70 -18.25
CA ARG A 39 3.06 0.45 -17.87
C ARG A 39 4.43 0.45 -18.52
N VAL A 40 5.11 -0.73 -18.48
CA VAL A 40 6.43 -0.90 -19.06
C VAL A 40 6.37 -0.73 -20.55
N ARG A 41 5.36 -1.29 -21.23
CA ARG A 41 5.28 -1.13 -22.68
C ARG A 41 5.14 0.30 -23.17
N ARG A 42 4.53 1.18 -22.38
CA ARG A 42 4.42 2.59 -22.74
C ARG A 42 5.80 3.21 -22.89
N PHE A 43 6.75 2.83 -22.05
CA PHE A 43 8.08 3.39 -22.13
C PHE A 43 8.84 2.79 -23.29
N GLN A 44 8.48 1.55 -23.63
CA GLN A 44 9.22 0.81 -24.63
C GLN A 44 8.91 1.26 -26.05
N ILE A 45 7.63 1.43 -26.34
CA ILE A 45 7.18 1.99 -27.61
C ILE A 45 7.76 3.39 -27.87
N ALA A 46 8.18 4.09 -26.82
CA ALA A 46 8.79 5.41 -26.96
C ALA A 46 10.31 5.30 -26.90
N GLN A 47 10.80 4.08 -27.10
CA GLN A 47 12.23 3.76 -27.32
C GLN A 47 13.13 3.80 -26.08
N TYR A 48 12.60 3.43 -24.92
CA TYR A 48 13.44 3.19 -23.72
C TYR A 48 13.91 1.74 -23.67
N LYS A 49 15.02 1.50 -22.98
CA LYS A 49 15.46 0.13 -22.73
C LYS A 49 14.80 -0.40 -21.46
N CYS A 50 14.03 -1.47 -21.62
CA CYS A 50 13.25 -2.06 -20.53
C CYS A 50 13.79 -3.42 -20.12
N LEU A 51 13.64 -3.76 -18.86
CA LEU A 51 13.89 -5.12 -18.43
C LEU A 51 12.78 -5.62 -17.49
N VAL A 52 12.21 -6.77 -17.80
CA VAL A 52 11.24 -7.40 -16.95
C VAL A 52 11.87 -8.62 -16.27
N ILE A 53 11.73 -8.70 -14.95
CA ILE A 53 12.24 -9.77 -14.13
C ILE A 53 11.09 -10.59 -13.58
N LYS A 54 11.14 -11.91 -13.81
CA LYS A 54 10.17 -12.88 -13.28
C LYS A 54 10.85 -13.73 -12.20
N TYR A 55 10.05 -14.39 -11.39
CA TYR A 55 10.58 -15.27 -10.36
C TYR A 55 10.83 -16.65 -10.99
N ALA A 56 12.07 -17.14 -10.87
CA ALA A 56 12.50 -18.34 -11.58
C ALA A 56 11.62 -19.54 -11.36
N LYS A 57 11.18 -19.72 -10.11
CA LYS A 57 10.46 -20.92 -9.71
C LYS A 57 8.97 -20.92 -10.04
N ASP A 58 8.44 -19.80 -10.52
CA ASP A 58 7.04 -19.82 -10.91
C ASP A 58 6.94 -19.93 -12.42
N THR A 59 6.87 -21.18 -12.89
CA THR A 59 6.77 -21.47 -14.31
C THR A 59 5.48 -22.19 -14.56
N ARG A 60 4.37 -21.46 -14.44
CA ARG A 60 3.07 -22.01 -14.76
C ARG A 60 2.44 -21.24 -15.95
N TYR A 61 3.25 -20.36 -16.55
CA TYR A 61 2.89 -19.56 -17.75
C TYR A 61 1.41 -19.21 -17.90
N MET A 73 12.75 -5.83 -25.74
CA MET A 73 12.60 -5.98 -24.29
C MET A 73 13.26 -7.23 -23.71
N GLU A 74 14.32 -7.01 -22.94
CA GLU A 74 14.96 -8.03 -22.14
C GLU A 74 13.96 -8.62 -21.11
N ALA A 75 13.81 -9.94 -21.09
CA ALA A 75 13.06 -10.65 -20.02
C ALA A 75 14.02 -11.65 -19.36
N LEU A 76 14.05 -11.73 -18.02
CA LEU A 76 15.02 -12.58 -17.31
C LEU A 76 14.42 -13.21 -16.07
N PRO A 77 14.71 -14.51 -15.81
CA PRO A 77 14.35 -15.19 -14.54
C PRO A 77 15.35 -14.93 -13.43
N ALA A 78 14.89 -14.95 -12.18
CA ALA A 78 15.78 -14.66 -11.09
C ALA A 78 15.28 -15.33 -9.84
N CYS A 79 16.19 -15.50 -8.88
CA CYS A 79 15.86 -16.03 -7.55
C CYS A 79 16.18 -15.00 -6.48
N LEU A 80 17.24 -14.23 -6.70
CA LEU A 80 17.57 -13.09 -5.89
C LEU A 80 17.88 -12.00 -6.89
N LEU A 81 17.34 -10.82 -6.68
CA LEU A 81 17.49 -9.79 -7.68
C LEU A 81 18.96 -9.43 -7.91
N ARG A 82 19.82 -9.81 -6.96
CA ARG A 82 21.28 -9.62 -7.08
C ARG A 82 21.82 -10.31 -8.34
N ASP A 83 21.23 -11.47 -8.68
CA ASP A 83 21.48 -12.20 -9.95
C ASP A 83 21.50 -11.33 -11.20
N VAL A 84 20.65 -10.31 -11.23
CA VAL A 84 20.39 -9.54 -12.45
C VAL A 84 20.72 -8.08 -12.28
N ALA A 85 21.50 -7.77 -11.26
CA ALA A 85 21.94 -6.40 -10.99
C ALA A 85 22.66 -5.72 -12.16
N GLN A 86 23.60 -6.43 -12.82
CA GLN A 86 24.41 -5.83 -13.91
C GLN A 86 23.63 -5.62 -15.20
N GLU A 87 22.65 -6.48 -15.45
CA GLU A 87 21.70 -6.33 -16.55
C GLU A 87 20.73 -5.17 -16.28
N ALA A 88 20.26 -5.07 -15.03
CA ALA A 88 19.41 -3.97 -14.57
C ALA A 88 20.07 -2.60 -14.73
N LEU A 89 21.35 -2.54 -14.37
CA LEU A 89 22.16 -1.32 -14.48
C LEU A 89 22.29 -0.76 -15.89
N GLY A 90 21.96 -1.55 -16.90
CA GLY A 90 22.14 -1.05 -18.26
C GLY A 90 20.86 -0.68 -18.96
N VAL A 91 19.76 -0.53 -18.20
CA VAL A 91 18.49 -0.16 -18.79
C VAL A 91 17.84 1.02 -18.07
N ALA A 92 16.89 1.67 -18.75
CA ALA A 92 16.13 2.77 -18.18
C ALA A 92 15.00 2.33 -17.22
N VAL A 93 14.27 1.26 -17.57
CA VAL A 93 12.99 0.91 -16.92
C VAL A 93 13.02 -0.57 -16.57
N ILE A 94 12.72 -0.90 -15.31
CA ILE A 94 12.76 -2.28 -14.80
C ILE A 94 11.42 -2.71 -14.16
N GLY A 95 10.83 -3.81 -14.64
CA GLY A 95 9.62 -4.35 -14.03
C GLY A 95 10.00 -5.56 -13.20
N ILE A 96 9.40 -5.69 -12.00
CA ILE A 96 9.59 -6.88 -11.23
C ILE A 96 8.23 -7.54 -11.05
N ASP A 97 8.08 -8.72 -11.63
CA ASP A 97 6.90 -9.52 -11.44
C ASP A 97 7.04 -10.38 -10.17
N GLU A 98 5.89 -10.81 -9.64
CA GLU A 98 5.79 -11.56 -8.35
C GLU A 98 6.74 -11.11 -7.23
N GLY A 99 6.83 -9.81 -6.99
CA GLY A 99 7.89 -9.25 -6.16
C GLY A 99 7.92 -9.71 -4.71
N GLN A 100 6.85 -10.41 -4.30
CA GLN A 100 6.79 -10.91 -2.93
C GLN A 100 7.80 -12.03 -2.68
N PHE A 101 8.33 -12.60 -3.77
CA PHE A 101 9.22 -13.74 -3.64
C PHE A 101 10.70 -13.36 -3.51
N PHE A 102 11.03 -12.07 -3.66
CA PHE A 102 12.40 -11.58 -3.60
C PHE A 102 12.74 -10.93 -2.27
N PRO A 103 13.48 -11.64 -1.38
CA PRO A 103 13.73 -11.14 -0.04
C PRO A 103 14.61 -9.90 -0.04
N ASP A 104 15.28 -9.61 -1.16
CA ASP A 104 16.13 -8.42 -1.34
C ASP A 104 15.51 -7.18 -2.04
N ILE A 105 14.19 -7.18 -2.21
CA ILE A 105 13.54 -6.19 -3.11
C ILE A 105 13.67 -4.69 -2.71
N VAL A 106 13.56 -4.41 -1.41
CA VAL A 106 13.65 -3.04 -0.93
C VAL A 106 14.97 -2.42 -1.36
N GLU A 107 16.04 -3.14 -1.12
CA GLU A 107 17.39 -2.66 -1.31
C GLU A 107 17.66 -2.51 -2.80
N PHE A 108 17.23 -3.50 -3.57
CA PHE A 108 17.37 -3.47 -5.00
C PHE A 108 16.65 -2.27 -5.61
N CYS A 109 15.34 -2.16 -5.32
CA CYS A 109 14.52 -1.05 -5.87
C CYS A 109 15.01 0.32 -5.48
N GLU A 110 15.35 0.46 -4.19
CA GLU A 110 15.78 1.74 -3.71
C GLU A 110 17.10 2.13 -4.40
N ALA A 111 18.02 1.19 -4.57
CA ALA A 111 19.31 1.51 -5.24
C ALA A 111 19.16 1.89 -6.72
N MET A 112 18.33 1.15 -7.45
CA MET A 112 18.09 1.40 -8.87
C MET A 112 17.40 2.74 -9.10
N ALA A 113 16.37 2.99 -8.30
CA ALA A 113 15.59 4.23 -8.34
C ALA A 113 16.49 5.45 -8.06
N ASN A 114 17.37 5.27 -7.08
CA ASN A 114 18.38 6.28 -6.75
C ASN A 114 19.45 6.53 -7.84
N ALA A 115 19.61 5.56 -8.75
CA ALA A 115 20.52 5.69 -9.88
C ALA A 115 19.85 6.23 -11.15
N GLY A 116 18.56 6.59 -11.06
CA GLY A 116 17.86 7.17 -12.22
C GLY A 116 16.79 6.33 -12.88
N LYS A 117 16.70 5.04 -12.53
CA LYS A 117 15.77 4.09 -13.18
C LYS A 117 14.33 4.19 -12.68
N THR A 118 13.37 3.96 -13.58
CA THR A 118 11.98 3.75 -13.20
C THR A 118 11.79 2.28 -12.83
N VAL A 119 11.29 2.00 -11.62
CA VAL A 119 11.08 0.61 -11.18
C VAL A 119 9.61 0.39 -10.89
N ILE A 120 9.05 -0.66 -11.47
CA ILE A 120 7.62 -0.96 -11.32
C ILE A 120 7.52 -2.41 -10.81
N VAL A 121 6.76 -2.62 -9.73
CA VAL A 121 6.69 -3.86 -9.01
C VAL A 121 5.26 -4.34 -8.91
N ALA A 122 4.96 -5.45 -9.56
CA ALA A 122 3.74 -6.20 -9.31
C ALA A 122 4.06 -7.14 -8.18
N ALA A 123 3.13 -7.29 -7.24
CA ALA A 123 3.30 -8.16 -6.07
C ALA A 123 1.98 -8.30 -5.33
N LEU A 124 1.81 -9.45 -4.72
CA LEU A 124 0.74 -9.76 -3.81
C LEU A 124 1.07 -9.08 -2.48
N ASP A 125 0.06 -8.42 -1.91
CA ASP A 125 0.21 -7.76 -0.61
C ASP A 125 0.10 -8.72 0.59
N GLY A 126 -0.84 -9.66 0.52
CA GLY A 126 -1.01 -10.67 1.54
C GLY A 126 -0.91 -12.13 1.12
N THR A 127 -0.48 -12.97 2.07
CA THR A 127 -0.47 -14.42 1.93
C THR A 127 -1.90 -14.95 1.91
N PHE A 128 -2.03 -16.28 1.92
CA PHE A 128 -3.33 -16.98 1.96
C PHE A 128 -4.02 -16.74 3.32
N GLN A 129 -3.22 -16.19 4.25
CA GLN A 129 -3.61 -15.92 5.64
C GLN A 129 -3.80 -14.44 5.87
N ARG A 130 -3.61 -13.66 4.81
CA ARG A 130 -3.81 -12.23 4.83
C ARG A 130 -2.83 -11.54 5.77
N LYS A 131 -1.56 -11.91 5.64
CA LYS A 131 -0.50 -11.28 6.39
C LYS A 131 0.52 -10.80 5.37
N PRO A 132 1.34 -9.79 5.74
CA PRO A 132 2.31 -9.30 4.75
C PRO A 132 3.09 -10.45 4.12
N PHE A 133 3.32 -10.35 2.81
CA PHE A 133 3.98 -11.38 2.01
C PHE A 133 5.37 -10.90 1.71
N GLY A 134 6.34 -11.46 2.38
CA GLY A 134 7.71 -11.04 2.12
C GLY A 134 8.01 -9.67 2.68
N ALA A 135 8.87 -8.93 1.97
CA ALA A 135 9.38 -7.67 2.46
C ALA A 135 8.63 -6.55 1.75
N ILE A 136 7.59 -6.94 1.03
CA ILE A 136 7.08 -6.12 -0.05
C ILE A 136 6.49 -4.81 0.51
N LEU A 137 5.92 -4.88 1.72
CA LEU A 137 5.29 -3.70 2.30
C LEU A 137 6.26 -2.60 2.71
N ASN A 138 7.53 -2.95 2.86
CA ASN A 138 8.54 -1.95 3.20
C ASN A 138 8.84 -1.04 2.03
N LEU A 139 8.35 -1.44 0.85
CA LEU A 139 8.51 -0.65 -0.37
C LEU A 139 7.55 0.52 -0.39
N VAL A 140 6.43 0.40 0.31
CA VAL A 140 5.42 1.47 0.39
C VAL A 140 6.03 2.82 0.79
N PRO A 141 6.65 2.95 1.98
CA PRO A 141 7.30 4.23 2.33
C PRO A 141 8.29 4.79 1.28
N LEU A 142 8.84 3.93 0.43
CA LEU A 142 9.85 4.37 -0.56
C LEU A 142 9.24 4.71 -1.93
N ALA A 143 7.96 4.38 -2.09
CA ALA A 143 7.32 4.46 -3.41
C ALA A 143 6.62 5.79 -3.66
N GLU A 144 6.78 6.29 -4.89
CA GLU A 144 6.01 7.41 -5.44
C GLU A 144 4.52 7.04 -5.72
N SER A 145 4.24 5.83 -6.20
CA SER A 145 2.83 5.42 -6.32
C SER A 145 2.54 4.02 -5.82
N VAL A 146 1.36 3.85 -5.22
CA VAL A 146 0.90 2.55 -4.73
C VAL A 146 -0.56 2.39 -5.10
N VAL A 147 -0.87 1.32 -5.83
CA VAL A 147 -2.27 0.96 -6.05
C VAL A 147 -2.52 -0.48 -5.59
N LYS A 148 -3.77 -0.75 -5.19
CA LYS A 148 -4.21 -2.11 -4.94
C LYS A 148 -5.35 -2.53 -5.88
N LEU A 149 -5.11 -3.58 -6.65
CA LEU A 149 -6.05 -4.03 -7.65
C LEU A 149 -7.16 -4.93 -7.07
N THR A 150 -8.08 -5.29 -7.92
CA THR A 150 -9.29 -5.99 -7.48
C THR A 150 -9.40 -7.22 -8.36
N ALA A 151 -9.67 -8.36 -7.75
CA ALA A 151 -10.06 -9.54 -8.52
C ALA A 151 -11.58 -9.63 -8.54
N VAL A 152 -12.16 -10.70 -9.09
CA VAL A 152 -13.60 -10.95 -8.81
C VAL A 152 -13.73 -12.20 -7.96
N CYS A 153 -14.63 -12.17 -6.98
CA CYS A 153 -14.76 -13.30 -6.08
C CYS A 153 -15.17 -14.54 -6.83
N MET A 154 -14.42 -15.62 -6.64
CA MET A 154 -14.70 -16.87 -7.33
C MET A 154 -15.85 -17.65 -6.64
N GLU A 155 -16.38 -17.15 -5.52
CA GLU A 155 -17.43 -17.87 -4.81
C GLU A 155 -18.76 -17.14 -4.71
N CYS A 156 -18.77 -15.81 -4.71
CA CYS A 156 -20.04 -15.06 -4.69
C CYS A 156 -20.15 -14.05 -5.84
N PHE A 157 -19.02 -13.77 -6.49
CA PHE A 157 -18.97 -12.82 -7.61
C PHE A 157 -19.10 -11.32 -7.26
N ARG A 158 -18.72 -10.93 -6.04
CA ARG A 158 -18.49 -9.52 -5.73
C ARG A 158 -17.03 -9.22 -6.09
N GLU A 159 -16.52 -8.04 -5.76
CA GLU A 159 -15.11 -7.77 -5.99
C GLU A 159 -14.31 -8.56 -4.93
N ALA A 160 -13.12 -9.03 -5.32
CA ALA A 160 -12.29 -9.76 -4.39
C ALA A 160 -11.00 -9.02 -4.01
N ALA A 161 -10.71 -9.01 -2.71
CA ALA A 161 -9.54 -8.33 -2.23
C ALA A 161 -8.50 -9.29 -1.67
N TYR A 162 -8.90 -10.53 -1.46
CA TYR A 162 -8.06 -11.52 -0.77
C TYR A 162 -7.85 -12.82 -1.57
N THR A 163 -6.81 -13.58 -1.24
CA THR A 163 -6.64 -14.93 -1.77
C THR A 163 -6.76 -16.00 -0.66
N LYS A 164 -7.64 -16.97 -0.88
CA LYS A 164 -7.84 -18.16 -0.02
C LYS A 164 -7.17 -19.43 -0.61
N ARG A 165 -6.43 -20.17 0.21
CA ARG A 165 -5.86 -21.47 -0.20
C ARG A 165 -6.91 -22.57 -0.02
N LEU A 166 -7.20 -23.32 -1.08
CA LEU A 166 -8.23 -24.35 -1.06
C LEU A 166 -7.89 -25.58 -0.22
N GLY A 167 -6.62 -26.01 -0.27
CA GLY A 167 -6.16 -27.19 0.47
C GLY A 167 -5.83 -26.89 1.91
N THR A 168 -4.87 -27.61 2.50
CA THR A 168 -4.51 -27.40 3.92
C THR A 168 -3.03 -27.16 4.18
N GLU A 169 -2.22 -27.13 3.13
CA GLU A 169 -0.79 -26.85 3.30
C GLU A 169 -0.62 -25.55 4.09
N LYS A 170 0.43 -25.45 4.89
CA LYS A 170 0.56 -24.29 5.75
C LYS A 170 1.82 -23.48 5.50
N GLU A 171 2.75 -24.02 4.70
CA GLU A 171 3.96 -23.25 4.40
C GLU A 171 3.56 -22.11 3.47
N VAL A 172 4.23 -20.97 3.63
CA VAL A 172 3.85 -19.78 2.89
C VAL A 172 3.90 -20.03 1.37
N GLU A 173 5.05 -20.51 0.85
CA GLU A 173 5.28 -20.67 -0.61
C GLU A 173 4.77 -22.00 -1.19
N VAL A 174 3.70 -21.91 -1.95
CA VAL A 174 3.19 -23.02 -2.71
C VAL A 174 2.76 -22.41 -4.05
N ILE A 175 3.62 -22.59 -5.06
CA ILE A 175 3.33 -22.17 -6.44
C ILE A 175 2.09 -22.90 -6.92
N GLY A 176 1.17 -22.17 -7.57
CA GLY A 176 -0.07 -22.75 -8.10
C GLY A 176 -1.05 -21.70 -8.60
N GLY A 177 -2.14 -22.15 -9.21
CA GLY A 177 -3.14 -21.30 -9.82
C GLY A 177 -4.52 -21.56 -9.25
N ALA A 178 -5.56 -21.39 -10.07
CA ALA A 178 -6.92 -21.54 -9.60
C ALA A 178 -7.15 -22.93 -9.01
N ASP A 179 -6.32 -23.90 -9.43
CA ASP A 179 -6.27 -25.27 -8.87
C ASP A 179 -6.18 -25.25 -7.35
N LYS A 180 -5.29 -24.38 -6.85
CA LYS A 180 -4.88 -24.35 -5.45
C LYS A 180 -5.44 -23.19 -4.63
N TYR A 181 -5.82 -22.11 -5.33
CA TYR A 181 -6.27 -20.83 -4.73
C TYR A 181 -7.55 -20.23 -5.34
N HIS A 182 -8.32 -19.53 -4.52
CA HIS A 182 -9.46 -18.73 -4.98
C HIS A 182 -9.30 -17.26 -4.64
N SER A 183 -9.60 -16.38 -5.59
CA SER A 183 -9.67 -14.96 -5.28
C SER A 183 -11.00 -14.71 -4.61
N VAL A 184 -10.95 -13.95 -3.53
CA VAL A 184 -12.07 -13.94 -2.60
C VAL A 184 -12.32 -12.58 -1.87
N CYS A 185 -13.60 -12.21 -1.73
CA CYS A 185 -14.01 -11.12 -0.83
C CYS A 185 -13.91 -11.51 0.66
N ARG A 186 -14.08 -10.52 1.54
CA ARG A 186 -14.08 -10.67 3.00
C ARG A 186 -15.08 -11.73 3.46
N LEU A 187 -16.31 -11.63 2.97
CA LEU A 187 -17.34 -12.61 3.30
C LEU A 187 -16.94 -14.04 2.98
N CYS A 188 -16.59 -14.31 1.73
CA CYS A 188 -16.23 -15.67 1.31
C CYS A 188 -14.94 -16.14 1.96
N TYR A 189 -13.98 -15.25 2.15
CA TYR A 189 -12.76 -15.63 2.83
C TYR A 189 -13.02 -16.40 4.12
N PHE A 190 -14.02 -15.98 4.88
CA PHE A 190 -14.23 -16.55 6.20
C PHE A 190 -15.28 -17.67 6.24
N LYS A 191 -16.02 -17.89 5.14
CA LYS A 191 -17.05 -18.97 5.06
C LYS A 191 -16.55 -20.35 5.51
N ARG B 18 -22.26 -6.39 4.65
CA ARG B 18 -20.80 -6.54 4.28
C ARG B 18 -19.94 -5.26 4.56
N GLY B 19 -18.98 -5.42 5.49
CA GLY B 19 -18.09 -4.35 5.90
C GLY B 19 -16.77 -4.38 5.13
N GLN B 20 -15.97 -3.32 5.27
CA GLN B 20 -14.72 -3.18 4.54
C GLN B 20 -13.73 -2.23 5.21
N ILE B 21 -12.51 -2.18 4.69
CA ILE B 21 -11.46 -1.26 5.13
C ILE B 21 -10.82 -0.57 3.93
N GLN B 22 -10.88 0.76 3.86
CA GLN B 22 -10.20 1.52 2.83
C GLN B 22 -9.02 2.29 3.45
N VAL B 23 -7.88 2.36 2.78
CA VAL B 23 -6.70 3.00 3.38
C VAL B 23 -6.27 4.11 2.45
N ILE B 24 -5.94 5.26 3.03
CA ILE B 24 -5.50 6.44 2.30
C ILE B 24 -4.12 6.88 2.85
N LEU B 25 -3.07 6.64 2.06
CA LEU B 25 -1.72 6.82 2.53
C LEU B 25 -1.24 8.05 1.83
N GLY B 26 -0.03 8.54 2.12
CA GLY B 26 0.53 9.70 1.41
C GLY B 26 1.53 10.43 2.30
N PRO B 27 2.31 11.38 1.75
CA PRO B 27 3.07 12.15 2.73
C PRO B 27 2.19 13.27 3.39
N MET B 28 2.84 14.16 4.12
CA MET B 28 2.16 15.26 4.74
C MET B 28 1.79 16.24 3.65
N PHE B 29 0.77 17.07 3.91
CA PHE B 29 0.38 18.10 2.94
C PHE B 29 -0.19 17.51 1.63
N SER B 30 -0.69 16.27 1.67
CA SER B 30 -1.31 15.66 0.48
C SER B 30 -2.82 15.56 0.52
N GLY B 31 -3.45 15.95 1.63
CA GLY B 31 -4.91 16.09 1.67
C GLY B 31 -5.59 14.84 2.13
N LYS B 32 -4.89 14.04 2.94
CA LYS B 32 -5.41 12.72 3.27
C LYS B 32 -6.73 12.82 4.01
N SER B 33 -6.81 13.79 4.93
CA SER B 33 -7.99 14.05 5.78
C SER B 33 -9.17 14.54 4.99
N THR B 34 -8.86 15.39 4.01
CA THR B 34 -9.82 15.96 3.12
C THR B 34 -10.42 14.82 2.26
N GLU B 35 -9.58 13.89 1.78
CA GLU B 35 -10.08 12.70 1.09
C GLU B 35 -10.90 11.81 2.01
N LEU B 36 -10.39 11.50 3.20
CA LEU B 36 -11.19 10.72 4.16
C LEU B 36 -12.58 11.34 4.34
N MET B 37 -12.64 12.64 4.64
CA MET B 37 -13.92 13.33 4.81
C MET B 37 -14.80 13.33 3.58
N ARG B 38 -14.24 13.53 2.39
CA ARG B 38 -15.04 13.46 1.13
C ARG B 38 -15.79 12.17 1.06
N ARG B 39 -15.03 11.10 1.34
CA ARG B 39 -15.56 9.75 1.33
C ARG B 39 -16.62 9.60 2.38
N VAL B 40 -16.31 9.93 3.66
CA VAL B 40 -17.28 9.75 4.75
C VAL B 40 -18.60 10.53 4.52
N ARG B 41 -18.49 11.77 4.03
CA ARG B 41 -19.65 12.64 3.80
C ARG B 41 -20.64 12.14 2.76
N ARG B 42 -20.17 11.30 1.84
CA ARG B 42 -21.00 10.76 0.79
C ARG B 42 -22.03 9.82 1.44
N PHE B 43 -21.59 9.11 2.47
CA PHE B 43 -22.44 8.22 3.26
C PHE B 43 -23.38 8.98 4.20
N GLN B 44 -22.97 10.15 4.66
CA GLN B 44 -23.76 10.88 5.60
C GLN B 44 -24.94 11.57 4.92
N ILE B 45 -24.69 12.28 3.83
CA ILE B 45 -25.75 12.93 3.07
C ILE B 45 -26.78 11.88 2.57
N ALA B 46 -26.49 10.61 2.79
CA ALA B 46 -27.37 9.54 2.38
C ALA B 46 -27.94 8.84 3.60
N GLN B 47 -27.71 9.46 4.77
CA GLN B 47 -28.42 9.14 6.01
C GLN B 47 -27.91 7.92 6.71
N TYR B 48 -26.60 7.69 6.62
CA TYR B 48 -25.93 6.68 7.43
C TYR B 48 -25.36 7.37 8.65
N LYS B 49 -25.38 6.69 9.78
CA LYS B 49 -24.67 7.17 10.98
C LYS B 49 -23.16 7.11 10.77
N CYS B 50 -22.49 8.27 10.78
CA CYS B 50 -21.03 8.31 10.72
C CYS B 50 -20.33 8.77 11.99
N LEU B 51 -19.15 8.21 12.24
CA LEU B 51 -18.24 8.71 13.25
C LEU B 51 -16.86 9.01 12.65
N VAL B 52 -16.23 10.10 13.06
CA VAL B 52 -14.90 10.42 12.58
C VAL B 52 -13.99 10.71 13.78
N ILE B 53 -12.87 10.00 13.84
CA ILE B 53 -11.98 9.97 14.97
C ILE B 53 -10.66 10.68 14.61
N LYS B 54 -10.27 11.68 15.41
CA LYS B 54 -9.07 12.48 15.15
C LYS B 54 -8.03 12.27 16.26
N TYR B 55 -6.75 12.36 15.95
CA TYR B 55 -5.73 12.17 17.00
C TYR B 55 -5.74 13.39 17.93
N ALA B 56 -6.06 13.12 19.21
CA ALA B 56 -6.17 14.15 20.26
C ALA B 56 -4.99 15.12 20.34
N LYS B 57 -3.81 14.65 19.93
CA LYS B 57 -2.60 15.45 20.12
C LYS B 57 -2.13 16.24 18.93
N ASP B 58 -2.84 16.25 17.81
CA ASP B 58 -2.31 17.01 16.66
C ASP B 58 -2.90 18.42 16.59
N MET B 73 -23.28 14.58 12.18
CA MET B 73 -22.14 13.64 12.29
C MET B 73 -21.25 13.83 13.53
N GLU B 74 -21.04 12.74 14.25
CA GLU B 74 -20.13 12.68 15.41
C GLU B 74 -18.63 12.79 15.06
N ALA B 75 -17.88 13.58 15.82
CA ALA B 75 -16.43 13.71 15.66
C ALA B 75 -15.74 13.81 17.03
N LEU B 76 -14.85 12.87 17.33
CA LEU B 76 -14.27 12.74 18.67
C LEU B 76 -12.77 12.67 18.61
N PRO B 77 -12.07 13.39 19.53
CA PRO B 77 -10.59 13.30 19.62
C PRO B 77 -10.21 12.11 20.52
N ALA B 78 -9.10 11.43 20.23
CA ALA B 78 -8.70 10.26 20.98
C ALA B 78 -7.20 10.06 20.89
N CYS B 79 -6.68 9.32 21.86
CA CYS B 79 -5.27 8.94 21.95
C CYS B 79 -5.11 7.45 21.78
N LEU B 80 -6.17 6.71 22.10
CA LEU B 80 -6.26 5.28 21.92
C LEU B 80 -7.69 4.95 21.48
N LEU B 81 -7.84 4.00 20.55
CA LEU B 81 -9.15 3.73 19.92
C LEU B 81 -10.14 2.99 20.83
N ARG B 82 -9.61 2.34 21.86
CA ARG B 82 -10.41 1.74 22.95
C ARG B 82 -11.39 2.76 23.57
N ASP B 83 -10.95 4.02 23.66
CA ASP B 83 -11.77 5.12 24.17
C ASP B 83 -12.98 5.45 23.30
N VAL B 84 -13.06 4.93 22.08
CA VAL B 84 -14.20 5.22 21.17
C VAL B 84 -14.82 3.99 20.54
N ALA B 85 -14.43 2.80 21.02
CA ALA B 85 -14.90 1.55 20.45
C ALA B 85 -16.39 1.27 20.62
N GLN B 86 -16.90 1.37 21.84
CA GLN B 86 -18.35 1.22 22.10
C GLN B 86 -19.26 2.17 21.30
N GLU B 87 -18.77 3.39 21.09
CA GLU B 87 -19.42 4.42 20.27
C GLU B 87 -19.40 3.98 18.81
N ALA B 88 -18.23 3.54 18.34
CA ALA B 88 -18.02 3.05 16.97
C ALA B 88 -18.95 1.87 16.63
N LEU B 89 -19.17 0.98 17.61
CA LEU B 89 -20.15 -0.09 17.49
C LEU B 89 -21.56 0.40 17.11
N GLY B 90 -21.91 1.63 17.46
CA GLY B 90 -23.25 2.08 17.18
C GLY B 90 -23.46 2.82 15.89
N VAL B 91 -22.48 2.79 14.98
CA VAL B 91 -22.61 3.53 13.68
C VAL B 91 -22.32 2.63 12.50
N ALA B 92 -22.55 3.17 11.29
CA ALA B 92 -22.35 2.46 10.02
C ALA B 92 -20.96 2.72 9.38
N VAL B 93 -20.49 3.96 9.45
CA VAL B 93 -19.27 4.40 8.78
C VAL B 93 -18.31 5.03 9.78
N ILE B 94 -17.08 4.52 9.85
CA ILE B 94 -16.03 5.04 10.72
C ILE B 94 -14.85 5.62 9.93
N GLY B 95 -14.42 6.82 10.28
CA GLY B 95 -13.21 7.41 9.73
C GLY B 95 -12.14 7.60 10.78
N ILE B 96 -10.91 7.18 10.48
CA ILE B 96 -9.79 7.51 11.32
C ILE B 96 -8.73 8.38 10.61
N ASP B 97 -8.51 9.59 11.14
CA ASP B 97 -7.46 10.49 10.68
C ASP B 97 -6.24 10.15 11.52
N GLU B 98 -5.05 10.27 10.89
CA GLU B 98 -3.75 9.99 11.49
C GLU B 98 -3.62 8.64 12.16
N GLY B 99 -4.09 7.61 11.47
CA GLY B 99 -4.09 6.25 11.97
C GLY B 99 -2.72 5.75 12.40
N GLN B 100 -1.65 6.36 11.89
CA GLN B 100 -0.29 5.91 12.25
C GLN B 100 0.02 6.12 13.75
N PHE B 101 -0.76 6.98 14.40
CA PHE B 101 -0.51 7.33 15.79
C PHE B 101 -1.24 6.40 16.74
N PHE B 102 -2.02 5.46 16.23
CA PHE B 102 -2.89 4.62 17.05
C PHE B 102 -2.37 3.20 17.07
N PRO B 103 -1.61 2.82 18.12
CA PRO B 103 -0.90 1.51 18.10
C PRO B 103 -1.85 0.33 17.91
N ASP B 104 -3.09 0.58 18.31
CA ASP B 104 -4.18 -0.37 18.36
C ASP B 104 -4.97 -0.59 17.03
N ILE B 105 -4.58 0.12 15.97
CA ILE B 105 -5.35 0.29 14.71
C ILE B 105 -5.78 -0.93 13.86
N VAL B 106 -4.90 -1.91 13.73
CA VAL B 106 -5.11 -3.12 12.92
C VAL B 106 -6.25 -4.01 13.42
N GLU B 107 -6.17 -4.42 14.69
CA GLU B 107 -7.27 -5.11 15.44
C GLU B 107 -8.56 -4.29 15.47
N PHE B 108 -8.44 -2.98 15.70
CA PHE B 108 -9.63 -2.13 15.73
C PHE B 108 -10.38 -2.24 14.41
N CYS B 109 -9.71 -1.93 13.31
CA CYS B 109 -10.31 -1.93 11.97
C CYS B 109 -10.87 -3.25 11.47
N GLU B 110 -10.08 -4.30 11.63
CA GLU B 110 -10.48 -5.65 11.27
C GLU B 110 -11.78 -6.08 11.99
N ALA B 111 -11.85 -5.86 13.31
CA ALA B 111 -13.09 -6.13 14.09
C ALA B 111 -14.28 -5.28 13.61
N MET B 112 -14.10 -3.96 13.56
CA MET B 112 -15.16 -3.13 12.99
C MET B 112 -15.67 -3.65 11.63
N ALA B 113 -14.76 -3.99 10.71
CA ALA B 113 -15.16 -4.35 9.35
C ALA B 113 -15.88 -5.67 9.35
N ASN B 114 -15.34 -6.59 10.14
CA ASN B 114 -16.02 -7.84 10.42
C ASN B 114 -17.38 -7.67 11.20
N ALA B 115 -17.51 -6.62 12.02
CA ALA B 115 -18.83 -6.21 12.51
C ALA B 115 -19.80 -5.70 11.41
N GLY B 116 -19.33 -5.56 10.17
CA GLY B 116 -20.21 -5.01 9.10
C GLY B 116 -20.13 -3.52 8.82
N LYS B 117 -19.13 -2.85 9.39
CA LYS B 117 -18.92 -1.40 9.18
C LYS B 117 -17.95 -1.03 8.03
N THR B 118 -18.20 0.10 7.37
CA THR B 118 -17.24 0.72 6.47
C THR B 118 -16.24 1.58 7.27
N VAL B 119 -14.98 1.14 7.23
CA VAL B 119 -13.87 1.78 7.95
C VAL B 119 -12.92 2.42 6.94
N ILE B 120 -12.67 3.72 7.11
CA ILE B 120 -11.84 4.47 6.18
C ILE B 120 -10.66 5.10 6.98
N VAL B 121 -9.41 4.87 6.56
CA VAL B 121 -8.26 5.30 7.39
C VAL B 121 -7.31 6.16 6.62
N ALA B 122 -7.07 7.39 7.08
CA ALA B 122 -6.01 8.25 6.53
C ALA B 122 -4.84 8.04 7.48
N ALA B 123 -3.63 7.90 6.93
CA ALA B 123 -2.44 7.60 7.74
C ALA B 123 -1.26 7.88 6.87
N LEU B 124 -0.20 8.43 7.47
CA LEU B 124 1.05 8.72 6.74
C LEU B 124 1.65 7.36 6.53
N ASP B 125 2.17 7.09 5.34
CA ASP B 125 2.81 5.78 5.10
C ASP B 125 4.20 5.66 5.73
N GLY B 126 4.99 6.73 5.69
CA GLY B 126 6.30 6.68 6.29
C GLY B 126 6.62 7.86 7.18
N THR B 127 7.56 7.59 8.11
CA THR B 127 8.20 8.60 8.96
C THR B 127 9.16 9.48 8.13
N PHE B 128 9.84 10.43 8.79
CA PHE B 128 10.75 11.40 8.15
C PHE B 128 12.02 10.66 7.71
N GLN B 129 12.10 9.38 8.07
CA GLN B 129 13.17 8.53 7.62
C GLN B 129 12.73 7.60 6.48
N ARG B 130 11.48 7.74 6.01
CA ARG B 130 10.89 6.88 4.98
C ARG B 130 10.84 5.43 5.43
N LYS B 131 10.62 5.24 6.73
CA LYS B 131 10.40 3.94 7.30
C LYS B 131 8.91 3.80 7.64
N PRO B 132 8.38 2.55 7.77
CA PRO B 132 6.97 2.41 8.17
C PRO B 132 6.66 3.21 9.41
N PHE B 133 5.46 3.79 9.47
CA PHE B 133 5.06 4.65 10.58
C PHE B 133 4.03 3.89 11.39
N GLY B 134 4.42 3.48 12.60
CA GLY B 134 3.52 2.68 13.44
C GLY B 134 3.11 1.39 12.77
N ALA B 135 1.86 0.97 12.99
CA ALA B 135 1.37 -0.36 12.57
C ALA B 135 0.53 -0.30 11.27
N ILE B 136 0.47 0.87 10.66
CA ILE B 136 -0.47 1.17 9.58
C ILE B 136 -0.35 0.25 8.35
N LEU B 137 0.85 -0.19 7.98
CA LEU B 137 0.97 -1.04 6.79
C LEU B 137 0.48 -2.46 6.98
N ASN B 138 0.33 -2.94 8.21
CA ASN B 138 -0.31 -4.24 8.42
C ASN B 138 -1.79 -4.17 8.11
N LEU B 139 -2.32 -2.96 7.88
CA LEU B 139 -3.69 -2.83 7.39
C LEU B 139 -3.86 -3.19 5.92
N VAL B 140 -2.79 -3.02 5.12
CA VAL B 140 -2.82 -3.31 3.67
C VAL B 140 -3.34 -4.72 3.25
N PRO B 141 -2.75 -5.81 3.79
CA PRO B 141 -3.30 -7.13 3.49
C PRO B 141 -4.77 -7.35 3.84
N LEU B 142 -5.32 -6.50 4.71
CA LEU B 142 -6.70 -6.68 5.21
C LEU B 142 -7.70 -5.74 4.50
N ALA B 143 -7.14 -4.68 3.91
CA ALA B 143 -7.91 -3.64 3.25
C ALA B 143 -8.47 -4.05 1.89
N GLU B 144 -9.68 -3.60 1.61
CA GLU B 144 -10.30 -3.77 0.31
C GLU B 144 -9.76 -2.77 -0.67
N SER B 145 -9.37 -1.60 -0.19
CA SER B 145 -8.77 -0.64 -1.14
C SER B 145 -7.63 0.13 -0.53
N VAL B 146 -6.65 0.43 -1.37
CA VAL B 146 -5.47 1.16 -0.91
C VAL B 146 -5.08 2.13 -2.00
N VAL B 147 -4.79 3.37 -1.58
CA VAL B 147 -4.33 4.42 -2.49
C VAL B 147 -3.25 5.21 -1.78
N LYS B 148 -2.31 5.83 -2.50
CA LYS B 148 -1.35 6.70 -1.86
C LYS B 148 -1.36 8.05 -2.58
N LEU B 149 -1.68 9.14 -1.89
CA LEU B 149 -1.84 10.41 -2.55
C LEU B 149 -0.49 11.12 -2.65
N THR B 150 -0.55 12.25 -3.33
CA THR B 150 0.61 13.00 -3.76
C THR B 150 0.54 14.41 -3.11
N ALA B 151 1.68 14.97 -2.68
CA ALA B 151 1.75 16.37 -2.29
C ALA B 151 2.43 17.13 -3.42
N VAL B 152 2.76 18.41 -3.20
CA VAL B 152 3.72 19.06 -4.11
C VAL B 152 5.00 19.47 -3.43
N CYS B 153 6.12 19.14 -4.07
CA CYS B 153 7.43 19.39 -3.50
C CYS B 153 7.54 20.86 -3.11
N MET B 154 7.81 21.08 -1.82
CA MET B 154 7.95 22.43 -1.30
C MET B 154 9.32 23.01 -1.63
N GLU B 155 10.18 22.20 -2.26
CA GLU B 155 11.56 22.62 -2.57
C GLU B 155 11.90 22.80 -4.05
N CYS B 156 11.17 22.17 -4.97
CA CYS B 156 11.47 22.29 -6.42
C CYS B 156 10.21 22.22 -7.23
N PHE B 157 9.09 21.94 -6.56
CA PHE B 157 7.77 21.99 -7.18
C PHE B 157 7.45 20.88 -8.22
N ARG B 158 8.06 19.70 -8.07
CA ARG B 158 7.58 18.48 -8.72
C ARG B 158 6.66 17.75 -7.71
N GLU B 159 6.09 16.58 -8.07
CA GLU B 159 5.20 15.81 -7.18
C GLU B 159 6.01 15.26 -6.06
N ALA B 160 5.39 15.14 -4.89
CA ALA B 160 6.09 14.66 -3.73
C ALA B 160 5.43 13.48 -3.05
N ALA B 161 6.27 12.54 -2.63
CA ALA B 161 5.82 11.30 -2.07
C ALA B 161 6.35 11.16 -0.65
N TYR B 162 7.27 12.04 -0.24
CA TYR B 162 7.96 11.90 1.07
C TYR B 162 7.84 13.13 1.94
N THR B 163 7.97 12.91 3.24
CA THR B 163 8.10 13.99 4.21
C THR B 163 9.54 14.17 4.76
N LYS B 164 10.12 15.35 4.57
CA LYS B 164 11.43 15.70 5.15
C LYS B 164 11.29 16.46 6.48
N ARG B 165 11.95 16.00 7.55
CA ARG B 165 12.01 16.77 8.81
C ARG B 165 13.12 17.83 8.67
N LEU B 166 12.74 19.10 8.85
CA LEU B 166 13.63 20.26 8.63
C LEU B 166 14.73 20.46 9.70
N GLY B 167 14.46 20.04 10.94
CA GLY B 167 15.47 20.12 12.04
C GLY B 167 16.13 18.81 12.45
N THR B 168 16.86 18.85 13.57
CA THR B 168 17.74 17.74 13.99
C THR B 168 17.17 16.66 14.93
N GLU B 169 15.96 16.85 15.45
CA GLU B 169 15.33 15.86 16.37
C GLU B 169 15.17 14.52 15.68
N LYS B 170 15.35 13.42 16.43
CA LYS B 170 15.34 12.08 15.84
C LYS B 170 14.25 11.16 16.39
N GLU B 171 13.44 11.64 17.34
CA GLU B 171 12.32 10.83 17.80
C GLU B 171 11.18 10.81 16.76
N VAL B 172 10.47 9.70 16.68
CA VAL B 172 9.48 9.52 15.63
C VAL B 172 8.37 10.60 15.72
N GLU B 173 7.77 10.75 16.91
CA GLU B 173 6.65 11.67 17.10
C GLU B 173 7.08 13.13 17.41
N VAL B 174 7.00 14.01 16.44
CA VAL B 174 7.20 15.43 16.69
C VAL B 174 6.08 16.17 15.94
N ILE B 175 5.01 16.46 16.67
CA ILE B 175 3.83 17.14 16.16
C ILE B 175 4.23 18.49 15.52
N GLY B 176 3.80 18.75 14.28
CA GLY B 176 4.22 19.96 13.58
C GLY B 176 3.57 20.11 12.23
N GLY B 177 3.85 21.22 11.58
CA GLY B 177 3.25 21.60 10.31
C GLY B 177 4.38 22.00 9.40
N ALA B 178 4.14 22.91 8.45
CA ALA B 178 5.19 23.27 7.51
C ALA B 178 6.33 24.05 8.19
N ASP B 179 6.14 24.37 9.47
CA ASP B 179 7.20 24.86 10.38
C ASP B 179 8.37 23.86 10.48
N LYS B 180 8.06 22.58 10.75
CA LYS B 180 9.09 21.58 11.07
C LYS B 180 9.36 20.59 9.93
N TYR B 181 8.45 20.58 8.95
CA TYR B 181 8.41 19.58 7.87
C TYR B 181 8.19 20.14 6.48
N HIS B 182 8.79 19.48 5.49
CA HIS B 182 8.57 19.73 4.05
C HIS B 182 8.14 18.43 3.35
N SER B 183 7.01 18.52 2.63
CA SER B 183 6.65 17.54 1.62
C SER B 183 7.66 17.64 0.46
N VAL B 184 8.21 16.49 0.09
CA VAL B 184 9.37 16.50 -0.79
C VAL B 184 9.42 15.34 -1.80
N CYS B 185 9.96 15.59 -2.99
CA CYS B 185 10.27 14.54 -3.97
C CYS B 185 11.56 13.79 -3.60
N ARG B 186 11.91 12.75 -4.36
CA ARG B 186 13.10 11.92 -4.09
C ARG B 186 14.44 12.71 -4.16
N LEU B 187 14.69 13.43 -5.27
CA LEU B 187 15.84 14.34 -5.34
C LEU B 187 15.93 15.24 -4.11
N CYS B 188 14.88 16.04 -3.89
CA CYS B 188 14.85 16.96 -2.75
C CYS B 188 15.01 16.28 -1.41
N TYR B 189 14.41 15.11 -1.24
CA TYR B 189 14.60 14.37 0.00
C TYR B 189 16.09 14.24 0.34
N PHE B 190 16.90 13.89 -0.65
CA PHE B 190 18.30 13.58 -0.40
C PHE B 190 19.29 14.76 -0.47
N LYS B 191 18.79 15.98 -0.63
CA LYS B 191 19.62 17.20 -0.51
C LYS B 191 19.95 17.51 0.95
#